data_8YTS
#
_entry.id   8YTS
#
_cell.length_a   36.416
_cell.length_b   37.601
_cell.length_c   97.117
_cell.angle_alpha   90.00
_cell.angle_beta   90.00
_cell.angle_gamma   90.00
#
_symmetry.space_group_name_H-M   'P 21 21 21'
#
loop_
_entity.id
_entity.type
_entity.pdbx_description
1 polymer 'Cytochrome C'
2 non-polymer 'HEME C'
3 water water
#
_entity_poly.entity_id   1
_entity_poly.type   'polypeptide(L)'
_entity_poly.pdbx_seq_one_letter_code
;MKKLMVVVAGVIMASGMASAHAADIEAGKAKYESTCLSCHGAEGKGQAIFPAVTGQDAAYVTEKLEQYRAGEQVGQHTAL
MAPHARTLSDEDIANLAAYIDAEFN
;
_entity_poly.pdbx_strand_id   A,B
#
# COMPACT_ATOMS: atom_id res chain seq x y z
N ALA A 23 18.92 -13.97 14.37
CA ALA A 23 18.20 -13.51 13.16
C ALA A 23 19.16 -13.38 11.99
N ASP A 24 18.55 -13.41 10.83
CA ASP A 24 19.25 -13.38 9.55
C ASP A 24 18.91 -12.04 8.91
N ILE A 25 19.80 -11.05 9.07
CA ILE A 25 19.61 -9.71 8.53
C ILE A 25 19.49 -9.79 7.01
N GLU A 26 20.31 -10.60 6.35
CA GLU A 26 20.25 -10.68 4.89
C GLU A 26 18.90 -11.19 4.43
N ALA A 27 18.36 -12.18 5.12
CA ALA A 27 17.05 -12.72 4.76
C ALA A 27 15.97 -11.68 4.99
N GLY A 28 16.09 -10.95 6.09
CA GLY A 28 15.17 -9.86 6.35
C GLY A 28 15.25 -8.76 5.29
N LYS A 29 16.45 -8.43 4.83
CA LYS A 29 16.64 -7.45 3.78
C LYS A 29 15.90 -7.87 2.51
N ALA A 30 16.09 -9.14 2.13
CA ALA A 30 15.48 -9.59 0.89
C ALA A 30 13.96 -9.54 0.98
N LYS A 31 13.41 -9.96 2.12
CA LYS A 31 11.97 -9.94 2.30
C LYS A 31 11.45 -8.49 2.34
N TYR A 32 12.16 -7.62 3.04
CA TYR A 32 11.76 -6.23 3.10
C TYR A 32 11.71 -5.61 1.72
N GLU A 33 12.76 -5.85 0.94
CA GLU A 33 12.87 -5.26 -0.38
C GLU A 33 11.73 -5.75 -1.27
N SER A 34 11.33 -7.05 -1.14
CA SER A 34 10.33 -7.60 -2.03
C SER A 34 8.89 -7.20 -1.67
N THR A 35 8.60 -6.99 -0.38
CA THR A 35 7.24 -7.03 0.18
C THR A 35 6.87 -5.78 0.99
N CYS A 36 7.84 -4.96 1.40
CA CYS A 36 7.60 -3.90 2.38
C CYS A 36 8.05 -2.54 1.87
N LEU A 37 9.18 -2.51 1.16
CA LEU A 37 9.86 -1.27 0.75
C LEU A 37 8.96 -0.35 -0.07
N SER A 38 8.11 -0.93 -0.90
CA SER A 38 7.23 -0.10 -1.74
C SER A 38 6.45 0.93 -0.91
N CYS A 39 6.01 0.51 0.30
CA CYS A 39 5.31 1.43 1.20
C CYS A 39 6.22 2.11 2.22
N HIS A 40 7.08 1.33 2.88
CA HIS A 40 7.84 1.89 3.99
C HIS A 40 9.17 2.52 3.58
N GLY A 41 9.59 2.38 2.32
CA GLY A 41 10.74 3.09 1.80
C GLY A 41 12.05 2.33 1.93
N ALA A 42 12.97 2.62 1.01
CA ALA A 42 14.27 1.99 1.05
C ALA A 42 15.10 2.36 2.26
N GLU A 43 14.84 3.56 2.81
CA GLU A 43 15.49 4.00 4.06
C GLU A 43 14.49 4.04 5.21
N GLY A 44 13.32 3.40 5.07
CA GLY A 44 12.40 3.23 6.19
C GLY A 44 11.57 4.47 6.50
N LYS A 45 11.57 5.50 5.66
CA LYS A 45 10.94 6.78 6.04
C LYS A 45 9.44 6.84 5.75
N GLY A 46 8.90 5.85 5.05
CA GLY A 46 7.47 5.79 4.81
C GLY A 46 6.89 6.62 3.69
N GLN A 47 7.68 7.03 2.74
CA GLN A 47 7.13 7.67 1.55
C GLN A 47 6.41 8.93 2.04
N ALA A 48 5.24 9.30 1.45
CA ALA A 48 4.59 10.54 1.87
C ALA A 48 3.56 10.36 3.00
N ILE A 49 2.98 9.16 3.17
CA ILE A 49 1.81 8.97 4.05
C ILE A 49 1.85 7.71 4.94
N PHE A 50 2.75 6.76 4.70
CA PHE A 50 2.81 5.50 5.42
C PHE A 50 3.73 5.70 6.62
N PRO A 51 3.58 4.95 7.74
CA PRO A 51 4.44 5.17 8.87
C PRO A 51 5.89 4.86 8.53
N ALA A 52 6.78 5.64 9.09
CA ALA A 52 8.18 5.30 9.08
C ALA A 52 8.39 4.05 9.92
N VAL A 53 9.42 3.29 9.57
CA VAL A 53 9.89 2.19 10.40
C VAL A 53 11.28 2.50 10.96
N THR A 54 11.64 3.77 10.99
CA THR A 54 12.88 4.22 11.56
C THR A 54 12.75 4.38 13.05
N GLY A 55 13.92 4.33 13.69
CA GLY A 55 14.03 4.64 15.08
C GLY A 55 13.44 3.61 16.02
N GLN A 56 13.21 2.41 15.55
CA GLN A 56 12.54 1.39 16.36
C GLN A 56 13.40 0.14 16.36
N ASP A 57 13.44 -0.50 17.51
CA ASP A 57 14.26 -1.67 17.67
C ASP A 57 13.54 -2.94 17.23
N ALA A 58 14.27 -4.03 17.23
CA ALA A 58 13.73 -5.30 16.74
C ALA A 58 12.56 -5.77 17.60
N ALA A 59 12.63 -5.55 18.91
CA ALA A 59 11.53 -5.96 19.77
C ALA A 59 10.23 -5.27 19.35
N TYR A 60 10.31 -3.96 19.14
CA TYR A 60 9.14 -3.19 18.76
C TYR A 60 8.54 -3.69 17.44
N VAL A 61 9.40 -3.87 16.45
CA VAL A 61 8.94 -4.31 15.14
C VAL A 61 8.31 -5.70 15.25
N THR A 62 8.94 -6.59 16.02
CA THR A 62 8.44 -7.94 16.23
C THR A 62 7.04 -7.90 16.80
N GLU A 63 6.87 -7.07 17.85
CA GLU A 63 5.57 -6.97 18.50
C GLU A 63 4.53 -6.50 17.50
N LYS A 64 4.84 -5.43 16.77
CA LYS A 64 3.87 -4.88 15.82
C LYS A 64 3.50 -5.90 14.75
N LEU A 65 4.50 -6.53 14.13
CA LEU A 65 4.19 -7.50 13.08
C LEU A 65 3.36 -8.66 13.62
N GLU A 66 3.64 -9.10 14.85
CA GLU A 66 2.82 -10.15 15.43
C GLU A 66 1.39 -9.70 15.65
N GLN A 67 1.19 -8.45 16.06
CA GLN A 67 -0.17 -7.94 16.20
C GLN A 67 -0.92 -7.93 14.87
N TYR A 68 -0.27 -7.41 13.84
CA TYR A 68 -0.94 -7.39 12.52
C TYR A 68 -1.23 -8.80 12.05
N ARG A 69 -0.29 -9.72 12.22
CA ARG A 69 -0.47 -11.08 11.75
C ARG A 69 -1.65 -11.76 12.45
N ALA A 70 -1.82 -11.47 13.75
CA ALA A 70 -2.87 -12.10 14.54
C ALA A 70 -4.23 -11.52 14.22
N GLY A 71 -4.31 -10.51 13.36
CA GLY A 71 -5.59 -9.95 13.01
C GLY A 71 -6.10 -8.93 14.02
N GLU A 72 -5.20 -8.40 14.84
CA GLU A 72 -5.55 -7.35 15.78
C GLU A 72 -5.78 -6.03 15.05
N GLN A 73 -6.71 -5.25 15.59
CA GLN A 73 -6.88 -3.87 15.15
C GLN A 73 -5.78 -3.08 15.85
N VAL A 74 -4.89 -2.49 15.05
CA VAL A 74 -3.80 -1.69 15.59
C VAL A 74 -4.28 -0.25 15.40
N GLY A 75 -3.94 0.37 14.30
CA GLY A 75 -4.38 1.72 14.04
C GLY A 75 -5.54 1.78 13.06
N GLN A 76 -5.88 3.02 12.72
CA GLN A 76 -7.02 3.28 11.85
C GLN A 76 -6.90 2.64 10.48
N HIS A 77 -5.68 2.43 10.01
CA HIS A 77 -5.42 1.89 8.69
C HIS A 77 -4.88 0.47 8.72
N THR A 78 -5.28 -0.29 9.73
CA THR A 78 -4.87 -1.68 9.86
C THR A 78 -5.12 -2.45 8.58
N ALA A 79 -6.25 -2.20 7.89
CA ALA A 79 -6.57 -2.96 6.71
C ALA A 79 -5.55 -2.79 5.58
N LEU A 80 -4.80 -1.69 5.56
CA LEU A 80 -3.75 -1.53 4.57
C LEU A 80 -2.50 -2.35 4.87
N MET A 81 -2.26 -2.65 6.14
CA MET A 81 -1.02 -3.29 6.59
C MET A 81 -1.23 -4.78 6.84
N ALA A 82 -2.35 -5.15 7.47
CA ALA A 82 -2.56 -6.52 7.90
C ALA A 82 -2.33 -7.56 6.81
N PRO A 83 -2.75 -7.34 5.55
CA PRO A 83 -2.52 -8.38 4.54
C PRO A 83 -1.05 -8.73 4.38
N HIS A 84 -0.16 -7.77 4.66
CA HIS A 84 1.28 -7.92 4.50
C HIS A 84 1.94 -8.62 5.66
N ALA A 85 1.19 -8.87 6.73
CA ALA A 85 1.69 -9.62 7.88
C ALA A 85 1.06 -10.99 8.01
N ARG A 86 -0.11 -11.20 7.41
CA ARG A 86 -0.89 -12.39 7.70
C ARG A 86 -0.12 -13.69 7.47
N THR A 87 0.71 -13.76 6.43
CA THR A 87 1.39 -15.03 6.09
C THR A 87 2.85 -15.05 6.56
N LEU A 88 3.29 -14.06 7.35
CA LEU A 88 4.65 -14.10 7.85
C LEU A 88 4.79 -15.18 8.92
N SER A 89 5.90 -15.93 8.85
CA SER A 89 6.29 -16.81 9.93
C SER A 89 6.96 -16.02 11.04
N ASP A 90 7.15 -16.68 12.19
CA ASP A 90 7.94 -16.04 13.23
C ASP A 90 9.36 -15.76 12.78
N GLU A 91 9.95 -16.71 12.06
CA GLU A 91 11.26 -16.47 11.53
C GLU A 91 11.29 -15.23 10.62
N ASP A 92 10.32 -15.13 9.73
CA ASP A 92 10.22 -13.95 8.87
C ASP A 92 10.17 -12.67 9.68
N ILE A 93 9.32 -12.68 10.71
CA ILE A 93 9.20 -11.51 11.55
C ILE A 93 10.52 -11.17 12.22
N ALA A 94 11.20 -12.17 12.77
CA ALA A 94 12.47 -11.91 13.42
C ALA A 94 13.51 -11.37 12.44
N ASN A 95 13.49 -11.92 11.22
CA ASN A 95 14.46 -11.46 10.22
C ASN A 95 14.16 -10.02 9.80
N LEU A 96 12.88 -9.74 9.51
CA LEU A 96 12.48 -8.38 9.16
C LEU A 96 12.83 -7.39 10.29
N ALA A 97 12.54 -7.78 11.52
CA ALA A 97 12.81 -6.88 12.63
C ALA A 97 14.31 -6.62 12.81
N ALA A 98 15.13 -7.66 12.60
CA ALA A 98 16.57 -7.48 12.68
C ALA A 98 17.08 -6.56 11.58
N TYR A 99 16.59 -6.73 10.36
CA TYR A 99 16.97 -5.84 9.28
C TYR A 99 16.58 -4.41 9.58
N ILE A 100 15.32 -4.21 9.94
CA ILE A 100 14.83 -2.86 10.20
C ILE A 100 15.67 -2.20 11.30
N ASP A 101 15.94 -2.93 12.39
CA ASP A 101 16.75 -2.32 13.44
C ASP A 101 18.14 -1.96 12.92
N ALA A 102 18.76 -2.88 12.17
CA ALA A 102 20.14 -2.64 11.72
C ALA A 102 20.23 -1.52 10.70
N GLU A 103 19.26 -1.47 9.77
CA GLU A 103 19.34 -0.56 8.63
C GLU A 103 18.76 0.81 8.95
N PHE A 104 17.69 0.84 9.78
CA PHE A 104 16.91 2.07 9.96
C PHE A 104 16.99 2.60 11.38
N ASN A 105 17.78 1.94 12.26
CA ASN A 105 17.96 2.37 13.62
C ASN A 105 19.43 2.12 13.99
N ALA B 23 -5.88 -8.32 0.24
CA ALA B 23 -6.79 -7.59 -0.68
C ALA B 23 -7.66 -8.59 -1.45
N ASP B 24 -8.80 -8.08 -1.88
CA ASP B 24 -9.75 -8.84 -2.69
C ASP B 24 -9.72 -8.25 -4.11
N ILE B 25 -9.00 -8.90 -5.02
CA ILE B 25 -8.79 -8.34 -6.34
C ILE B 25 -10.07 -8.36 -7.19
N GLU B 26 -10.94 -9.35 -6.98
CA GLU B 26 -12.21 -9.36 -7.69
C GLU B 26 -13.07 -8.17 -7.23
N ALA B 27 -13.05 -7.87 -5.94
CA ALA B 27 -13.78 -6.71 -5.45
C ALA B 27 -13.18 -5.42 -6.00
N GLY B 28 -11.86 -5.37 -6.11
CA GLY B 28 -11.19 -4.22 -6.70
C GLY B 28 -11.60 -4.00 -8.16
N LYS B 29 -11.64 -5.09 -8.92
CA LYS B 29 -12.11 -5.02 -10.30
C LYS B 29 -13.52 -4.46 -10.35
N ALA B 30 -14.42 -4.98 -9.52
CA ALA B 30 -15.79 -4.53 -9.51
C ALA B 30 -15.88 -3.05 -9.17
N LYS B 31 -15.13 -2.60 -8.15
CA LYS B 31 -15.15 -1.22 -7.73
C LYS B 31 -14.59 -0.34 -8.86
N TYR B 32 -13.49 -0.78 -9.49
CA TYR B 32 -12.88 -0.03 -10.58
C TYR B 32 -13.86 0.16 -11.71
N GLU B 33 -14.51 -0.94 -12.11
CA GLU B 33 -15.48 -0.86 -13.19
C GLU B 33 -16.65 0.09 -12.86
N SER B 34 -17.12 0.10 -11.61
CA SER B 34 -18.28 0.91 -11.25
C SER B 34 -17.96 2.39 -11.09
N THR B 35 -16.74 2.71 -10.66
CA THR B 35 -16.45 4.00 -10.06
C THR B 35 -15.26 4.71 -10.74
N CYS B 36 -14.46 4.02 -11.56
CA CYS B 36 -13.17 4.57 -11.98
C CYS B 36 -12.96 4.47 -13.50
N LEU B 37 -13.40 3.36 -14.10
CA LEU B 37 -13.12 3.03 -15.47
C LEU B 37 -13.59 4.10 -16.45
N SER B 38 -14.72 4.74 -16.13
CA SER B 38 -15.29 5.77 -17.00
C SER B 38 -14.20 6.80 -17.40
N CYS B 39 -13.35 7.17 -16.44
CA CYS B 39 -12.28 8.12 -16.68
C CYS B 39 -10.94 7.46 -17.00
N HIS B 40 -10.54 6.48 -16.21
CA HIS B 40 -9.19 5.94 -16.33
C HIS B 40 -9.06 4.78 -17.31
N GLY B 41 -10.18 4.24 -17.82
CA GLY B 41 -10.12 3.32 -18.92
C GLY B 41 -10.06 1.85 -18.52
N ALA B 42 -10.49 1.01 -19.43
CA ALA B 42 -10.49 -0.43 -19.20
C ALA B 42 -9.08 -1.01 -19.06
N GLU B 43 -8.15 -0.33 -19.74
N GLU B 43 -8.02 -0.40 -19.58
CA GLU B 43 -6.74 -0.67 -19.72
CA GLU B 43 -6.67 -0.90 -19.30
C GLU B 43 -5.94 0.36 -18.92
C GLU B 43 -5.87 0.11 -18.49
N GLY B 44 -6.56 1.13 -17.99
CA GLY B 44 -5.89 2.08 -17.12
C GLY B 44 -5.15 3.20 -17.87
N LYS B 45 -5.35 3.38 -19.18
CA LYS B 45 -4.55 4.34 -19.93
C LYS B 45 -4.97 5.79 -19.74
N GLY B 46 -6.19 6.02 -19.25
CA GLY B 46 -6.71 7.37 -19.18
C GLY B 46 -6.91 7.95 -20.60
N GLN B 47 -7.02 9.27 -20.65
CA GLN B 47 -7.36 10.00 -21.87
C GLN B 47 -7.34 11.48 -21.52
N ALA B 48 -6.67 12.31 -22.34
CA ALA B 48 -6.74 13.77 -22.16
C ALA B 48 -6.41 14.13 -20.73
N ILE B 49 -7.30 14.83 -20.03
CA ILE B 49 -7.08 15.33 -18.69
C ILE B 49 -7.03 14.18 -17.69
N PHE B 50 -7.44 12.95 -18.04
CA PHE B 50 -7.43 11.85 -17.13
C PHE B 50 -6.12 11.10 -17.25
N PRO B 51 -5.30 11.10 -16.19
CA PRO B 51 -4.01 10.42 -16.28
C PRO B 51 -4.17 8.91 -16.32
N ALA B 52 -3.12 8.26 -16.78
CA ALA B 52 -3.02 6.83 -16.74
C ALA B 52 -2.80 6.37 -15.32
N VAL B 53 -3.34 5.21 -14.99
CA VAL B 53 -3.00 4.50 -13.77
C VAL B 53 -2.18 3.24 -14.09
N THR B 54 -1.70 3.08 -15.31
CA THR B 54 -0.76 2.05 -15.67
C THR B 54 0.63 2.34 -15.13
N GLY B 55 1.38 1.26 -14.93
CA GLY B 55 2.78 1.36 -14.62
C GLY B 55 3.03 1.78 -13.18
N GLN B 56 2.03 1.60 -12.34
CA GLN B 56 2.14 2.02 -10.95
C GLN B 56 1.78 0.86 -10.04
N ASP B 57 2.50 0.79 -8.94
CA ASP B 57 2.32 -0.31 -8.03
C ASP B 57 1.25 0.06 -7.00
N ALA B 58 0.94 -0.96 -6.20
CA ALA B 58 -0.12 -0.84 -5.22
C ALA B 58 0.17 0.25 -4.20
N ALA B 59 1.46 0.36 -3.77
CA ALA B 59 1.80 1.39 -2.78
C ALA B 59 1.46 2.78 -3.32
N TYR B 60 1.82 3.04 -4.59
CA TYR B 60 1.60 4.35 -5.17
C TYR B 60 0.10 4.65 -5.21
N VAL B 61 -0.69 3.69 -5.69
CA VAL B 61 -2.11 3.93 -5.80
C VAL B 61 -2.72 4.15 -4.42
N THR B 62 -2.28 3.36 -3.44
CA THR B 62 -2.77 3.48 -2.08
C THR B 62 -2.51 4.89 -1.53
N GLU B 63 -1.26 5.35 -1.70
CA GLU B 63 -0.88 6.66 -1.22
C GLU B 63 -1.74 7.75 -1.87
N LYS B 64 -1.87 7.69 -3.18
CA LYS B 64 -2.62 8.72 -3.90
C LYS B 64 -4.09 8.73 -3.49
N LEU B 65 -4.70 7.53 -3.37
CA LEU B 65 -6.10 7.50 -2.97
C LEU B 65 -6.26 8.03 -1.54
N GLU B 66 -5.34 7.70 -0.62
CA GLU B 66 -5.41 8.28 0.70
C GLU B 66 -5.29 9.80 0.67
N GLN B 67 -4.39 10.34 -0.15
CA GLN B 67 -4.24 11.79 -0.24
C GLN B 67 -5.52 12.43 -0.76
N TYR B 68 -6.07 11.87 -1.84
CA TYR B 68 -7.30 12.44 -2.39
C TYR B 68 -8.43 12.39 -1.37
N ARG B 69 -8.56 11.24 -0.68
CA ARG B 69 -9.63 11.05 0.28
C ARG B 69 -9.53 12.04 1.42
N ALA B 70 -8.28 12.35 1.83
CA ALA B 70 -8.05 13.25 2.95
C ALA B 70 -8.29 14.71 2.59
N GLY B 71 -8.54 15.01 1.30
CA GLY B 71 -8.78 16.37 0.90
C GLY B 71 -7.50 17.15 0.61
N GLU B 72 -6.36 16.48 0.46
CA GLU B 72 -5.12 17.15 0.14
C GLU B 72 -5.13 17.52 -1.34
N GLN B 73 -4.55 18.67 -1.68
CA GLN B 73 -4.32 19.03 -3.07
C GLN B 73 -3.21 18.15 -3.62
N VAL B 74 -3.50 17.48 -4.73
CA VAL B 74 -2.49 16.76 -5.47
C VAL B 74 -2.14 17.63 -6.67
N GLY B 75 -2.74 17.34 -7.83
CA GLY B 75 -2.47 18.16 -8.98
C GLY B 75 -3.51 19.25 -9.15
N GLN B 76 -3.41 19.92 -10.28
CA GLN B 76 -4.23 21.09 -10.56
C GLN B 76 -5.68 20.74 -10.85
N HIS B 77 -6.00 19.46 -11.02
CA HIS B 77 -7.37 19.01 -11.24
C HIS B 77 -7.85 18.09 -10.15
N THR B 78 -7.34 18.35 -8.92
CA THR B 78 -7.76 17.55 -7.78
C THR B 78 -9.28 17.48 -7.66
N ALA B 79 -9.99 18.60 -7.90
CA ALA B 79 -11.44 18.58 -7.72
C ALA B 79 -12.18 17.61 -8.66
N LEU B 80 -11.57 17.20 -9.76
CA LEU B 80 -12.19 16.19 -10.61
C LEU B 80 -12.09 14.79 -10.02
N MET B 81 -11.05 14.54 -9.23
CA MET B 81 -10.72 13.21 -8.73
C MET B 81 -11.14 13.01 -7.27
N ALA B 82 -10.91 14.02 -6.43
CA ALA B 82 -11.17 13.85 -5.00
C ALA B 82 -12.56 13.31 -4.69
N PRO B 83 -13.65 13.73 -5.38
CA PRO B 83 -14.97 13.20 -5.03
C PRO B 83 -15.04 11.69 -5.12
N HIS B 84 -14.25 11.10 -6.02
CA HIS B 84 -14.23 9.67 -6.26
C HIS B 84 -13.42 8.88 -5.25
N ALA B 85 -12.65 9.58 -4.40
CA ALA B 85 -11.91 8.94 -3.33
C ALA B 85 -12.54 9.19 -1.95
N ARG B 86 -13.38 10.20 -1.84
CA ARG B 86 -13.85 10.68 -0.54
C ARG B 86 -14.54 9.59 0.27
N THR B 87 -15.32 8.71 -0.37
CA THR B 87 -16.08 7.72 0.39
C THR B 87 -15.47 6.32 0.29
N LEU B 88 -14.22 6.19 -0.20
CA LEU B 88 -13.59 4.89 -0.23
C LEU B 88 -13.16 4.46 1.16
N SER B 89 -13.46 3.21 1.53
CA SER B 89 -12.88 2.63 2.73
C SER B 89 -11.42 2.22 2.49
N ASP B 90 -10.71 1.87 3.57
CA ASP B 90 -9.36 1.34 3.38
C ASP B 90 -9.39 0.04 2.60
N GLU B 91 -10.39 -0.81 2.88
CA GLU B 91 -10.50 -2.03 2.08
C GLU B 91 -10.72 -1.73 0.60
N ASP B 92 -11.56 -0.74 0.28
CA ASP B 92 -11.72 -0.34 -1.11
C ASP B 92 -10.39 0.11 -1.71
N ILE B 93 -9.65 0.95 -0.98
CA ILE B 93 -8.36 1.40 -1.48
C ILE B 93 -7.42 0.21 -1.71
N ALA B 94 -7.33 -0.70 -0.75
CA ALA B 94 -6.45 -1.85 -0.92
C ALA B 94 -6.86 -2.69 -2.12
N ASN B 95 -8.18 -2.90 -2.27
CA ASN B 95 -8.68 -3.71 -3.36
C ASN B 95 -8.38 -3.06 -4.70
N LEU B 96 -8.70 -1.78 -4.80
CA LEU B 96 -8.42 -1.02 -6.03
C LEU B 96 -6.93 -1.03 -6.38
N ALA B 97 -6.08 -0.81 -5.36
CA ALA B 97 -4.64 -0.76 -5.58
C ALA B 97 -4.14 -2.13 -6.05
N ALA B 98 -4.65 -3.20 -5.48
CA ALA B 98 -4.27 -4.55 -5.86
C ALA B 98 -4.70 -4.85 -7.29
N TYR B 99 -5.91 -4.47 -7.64
CA TYR B 99 -6.41 -4.69 -8.98
C TYR B 99 -5.54 -3.90 -9.97
N ILE B 100 -5.35 -2.61 -9.72
CA ILE B 100 -4.56 -1.79 -10.66
C ILE B 100 -3.15 -2.33 -10.83
N ASP B 101 -2.52 -2.71 -9.73
CA ASP B 101 -1.16 -3.22 -9.85
C ASP B 101 -1.18 -4.45 -10.81
C ASP B 101 -1.05 -4.62 -10.39
N ALA B 102 -2.17 -5.37 -10.72
N ALA B 102 -1.92 -5.50 -9.88
CA ALA B 102 -2.15 -6.59 -11.50
CA ALA B 102 -1.92 -6.85 -10.40
C ALA B 102 -2.53 -6.37 -12.98
C ALA B 102 -2.27 -6.83 -11.89
N GLU B 103 -3.54 -5.53 -13.22
N GLU B 103 -3.26 -6.02 -12.28
CA GLU B 103 -4.11 -5.37 -14.56
CA GLU B 103 -3.80 -6.17 -13.63
C GLU B 103 -3.31 -4.35 -15.41
C GLU B 103 -3.30 -5.13 -14.63
N PHE B 104 -2.76 -3.32 -14.75
N PHE B 104 -2.74 -3.96 -14.21
CA PHE B 104 -2.16 -2.20 -15.46
CA PHE B 104 -2.36 -2.90 -15.16
C PHE B 104 -0.67 -2.12 -15.14
C PHE B 104 -0.90 -2.43 -15.16
N ASN B 105 -0.09 -3.10 -14.39
CA ASN B 105 1.35 -3.07 -14.21
C ASN B 105 1.83 -4.53 -14.24
#